data_1B72
#
_entry.id   1B72
#
_cell.length_a   58.670
_cell.length_b   64.580
_cell.length_c   81.910
_cell.angle_alpha   90.00
_cell.angle_beta   90.00
_cell.angle_gamma   90.00
#
_symmetry.space_group_name_H-M   'P 21 21 21'
#
loop_
_entity.id
_entity.type
_entity.pdbx_description
1 polymer "DNA (5'-D(*AP*CP*TP*CP*TP*AP*TP*GP*AP*TP*TP*GP*AP*TP*CP*GP*GP*CP*TP*G)-3')"
2 polymer "DNA (5'-D(*TP*CP*AP*GP*CP*CP*GP*AP*TP*CP*AP*AP*TP*CP*AP*TP*AP*GP*AP*G)-3')"
3 polymer 'PROTEIN (HOMEOBOX PROTEIN HOX-B1)'
4 polymer 'PROTEIN (PBX1)'
5 water water
#
loop_
_entity_poly.entity_id
_entity_poly.type
_entity_poly.pdbx_seq_one_letter_code
_entity_poly.pdbx_strand_id
1 'polydeoxyribonucleotide' (DA)(DC)(DT)(DC)(DT)(DA)(DT)(DG)(DA)(DT)(DT)(DG)(DA)(DT)(DC)(DG)(DG)(DC)(DT)(DG) D
2 'polydeoxyribonucleotide' (DT)(DC)(DA)(DG)(DC)(DC)(DG)(DA)(DT)(DC)(DA)(DA)(DT)(DC)(DA)(DT)(DA)(DG)(DA)(DG) E
3 'polypeptide(L)'
;MEPNTPTARTFDWMKVKRNPPKTAKVSEPGLGSPSGLRTNFTTRQLTELEKEFHFNKYLSRARRVEIAATLELNETQVKI
WFQNRRMKQKKREREGG
;
A
4 'polypeptide(L)'
;ARRKRRNFNKQATEILNEYFYSHLSNPYPSEEAKEELAKKCGITVSQVSNWFGNKRIRYKKNIGKFQEEANIYAAKTAVT
ATNVSAH
;
B
#
# COMPACT_ATOMS: atom_id res chain seq x y z
N ALA C 8 -4.93 22.48 8.53
CA ALA C 8 -3.72 22.98 9.23
C ALA C 8 -2.67 23.45 8.23
N ARG C 9 -1.40 23.35 8.62
CA ARG C 9 -0.28 23.77 7.78
C ARG C 9 0.09 22.69 6.77
N THR C 10 0.52 23.10 5.58
CA THR C 10 0.91 22.13 4.55
C THR C 10 2.37 21.71 4.75
N PHE C 11 2.57 20.57 5.39
CA PHE C 11 3.92 20.06 5.65
C PHE C 11 4.59 19.46 4.42
N ASP C 12 5.85 19.08 4.59
CA ASP C 12 6.64 18.51 3.50
C ASP C 12 6.05 17.30 2.77
N TRP C 13 5.55 16.31 3.53
CA TRP C 13 4.99 15.12 2.91
C TRP C 13 3.81 15.45 2.00
N MET C 14 3.09 16.51 2.32
CA MET C 14 1.95 16.92 1.51
C MET C 14 2.39 17.49 0.17
N LYS C 15 3.71 17.72 0.04
CA LYS C 15 4.25 18.30 -1.18
C LYS C 15 5.11 17.36 -2.01
N VAL C 16 5.17 16.09 -1.62
CA VAL C 16 5.96 15.11 -2.36
C VAL C 16 5.20 14.70 -3.62
N LEU C 37 2.31 6.85 -16.88
CA LEU C 37 2.01 5.55 -17.55
C LEU C 37 2.10 4.36 -16.60
N ARG C 38 0.98 3.67 -16.44
CA ARG C 38 0.91 2.50 -15.57
C ARG C 38 0.47 1.34 -16.45
N THR C 39 1.41 0.44 -16.74
CA THR C 39 1.15 -0.71 -17.58
C THR C 39 -0.08 -1.51 -17.19
N ASN C 40 -0.87 -1.88 -18.17
CA ASN C 40 -2.07 -2.66 -17.94
C ASN C 40 -1.78 -4.06 -18.45
N PHE C 41 -1.31 -4.94 -17.57
CA PHE C 41 -1.00 -6.31 -17.97
C PHE C 41 -2.22 -7.10 -18.39
N THR C 42 -2.08 -7.89 -19.45
CA THR C 42 -3.18 -8.73 -19.92
C THR C 42 -3.26 -9.97 -19.03
N THR C 43 -4.38 -10.67 -19.13
CA THR C 43 -4.58 -11.87 -18.36
C THR C 43 -3.52 -12.88 -18.79
N ARG C 44 -3.15 -12.82 -20.06
CA ARG C 44 -2.14 -13.70 -20.62
C ARG C 44 -0.77 -13.42 -20.03
N GLN C 45 -0.46 -12.16 -19.78
CA GLN C 45 0.84 -11.83 -19.21
C GLN C 45 0.91 -12.21 -17.72
N LEU C 46 -0.13 -11.87 -16.97
CA LEU C 46 -0.14 -12.20 -15.56
C LEU C 46 -0.07 -13.73 -15.35
N THR C 47 -0.77 -14.47 -16.18
CA THR C 47 -0.77 -15.93 -16.07
C THR C 47 0.65 -16.45 -16.30
N GLU C 48 1.32 -15.95 -17.33
CA GLU C 48 2.67 -16.39 -17.59
C GLU C 48 3.64 -15.92 -16.52
N LEU C 49 3.41 -14.73 -15.97
CA LEU C 49 4.30 -14.23 -14.94
C LEU C 49 4.19 -15.13 -13.70
N GLU C 50 2.96 -15.46 -13.31
CA GLU C 50 2.75 -16.34 -12.15
C GLU C 50 3.45 -17.67 -12.32
N LYS C 51 3.21 -18.30 -13.47
CA LYS C 51 3.80 -19.59 -13.80
C LYS C 51 5.30 -19.56 -13.56
N GLU C 52 5.95 -18.52 -14.07
CA GLU C 52 7.39 -18.39 -13.85
C GLU C 52 7.71 -18.26 -12.38
N PHE C 53 6.91 -17.46 -11.68
CA PHE C 53 7.14 -17.24 -10.26
C PHE C 53 7.15 -18.57 -9.51
N HIS C 54 6.16 -19.42 -9.80
CA HIS C 54 6.05 -20.72 -9.13
C HIS C 54 7.10 -21.73 -9.56
N PHE C 55 7.92 -21.36 -10.53
CA PHE C 55 8.99 -22.21 -11.04
C PHE C 55 10.28 -21.80 -10.35
N ASN C 56 10.40 -20.49 -10.12
CA ASN C 56 11.57 -19.92 -9.48
C ASN C 56 11.19 -18.53 -8.96
N LYS C 57 11.40 -18.29 -7.66
CA LYS C 57 11.06 -17.01 -7.06
C LYS C 57 11.95 -15.88 -7.58
N TYR C 58 13.18 -16.19 -7.94
CA TYR C 58 14.08 -15.18 -8.46
C TYR C 58 14.47 -15.54 -9.89
N LEU C 59 14.65 -14.52 -10.72
CA LEU C 59 14.98 -14.74 -12.13
C LEU C 59 16.41 -14.39 -12.49
N SER C 60 17.00 -15.16 -13.39
CA SER C 60 18.35 -14.91 -13.86
C SER C 60 18.23 -13.88 -14.98
N ARG C 61 19.34 -13.24 -15.33
CA ARG C 61 19.33 -12.26 -16.40
C ARG C 61 18.85 -12.95 -17.67
N ALA C 62 19.25 -14.21 -17.81
CA ALA C 62 18.89 -15.00 -18.98
C ALA C 62 17.39 -15.17 -19.11
N ARG C 63 16.77 -15.78 -18.09
CA ARG C 63 15.34 -16.02 -18.13
C ARG C 63 14.50 -14.74 -18.14
N ARG C 64 15.07 -13.64 -17.64
CA ARG C 64 14.36 -12.37 -17.62
C ARG C 64 14.07 -11.90 -19.04
N VAL C 65 15.14 -11.80 -19.85
CA VAL C 65 15.04 -11.36 -21.24
C VAL C 65 14.10 -12.26 -22.03
N GLU C 66 14.15 -13.55 -21.72
CA GLU C 66 13.33 -14.55 -22.38
C GLU C 66 11.85 -14.31 -22.11
N ILE C 67 11.49 -14.19 -20.83
CA ILE C 67 10.08 -13.97 -20.49
C ILE C 67 9.58 -12.66 -21.07
N ALA C 68 10.40 -11.62 -20.99
CA ALA C 68 10.02 -10.31 -21.51
C ALA C 68 9.67 -10.41 -22.99
N ALA C 69 10.56 -11.02 -23.78
CA ALA C 69 10.32 -11.17 -25.21
C ALA C 69 9.01 -11.90 -25.46
N THR C 70 8.82 -13.02 -24.79
CA THR C 70 7.61 -13.80 -24.95
C THR C 70 6.35 -12.99 -24.58
N LEU C 71 6.41 -12.26 -23.48
CA LEU C 71 5.27 -11.49 -23.02
C LEU C 71 5.07 -10.07 -23.59
N GLU C 72 6.01 -9.63 -24.43
CA GLU C 72 5.89 -8.29 -25.01
C GLU C 72 6.09 -7.22 -23.94
N LEU C 73 7.09 -7.40 -23.07
CA LEU C 73 7.35 -6.44 -21.99
C LEU C 73 8.84 -6.14 -21.91
N ASN C 74 9.20 -5.18 -21.06
CA ASN C 74 10.60 -4.80 -20.87
C ASN C 74 11.12 -5.67 -19.72
N GLU C 75 12.43 -5.76 -19.60
CA GLU C 75 13.04 -6.53 -18.54
C GLU C 75 12.71 -5.87 -17.22
N THR C 76 12.69 -4.53 -17.24
CA THR C 76 12.40 -3.76 -16.04
C THR C 76 11.01 -4.05 -15.49
N GLN C 77 10.03 -4.15 -16.39
CA GLN C 77 8.67 -4.46 -15.99
C GLN C 77 8.59 -5.85 -15.39
N VAL C 78 9.33 -6.79 -15.98
CA VAL C 78 9.36 -8.16 -15.52
C VAL C 78 10.03 -8.20 -14.16
N LYS C 79 11.14 -7.48 -14.06
CA LYS C 79 11.94 -7.37 -12.85
C LYS C 79 11.10 -6.79 -11.71
N ILE C 80 10.38 -5.72 -12.01
CA ILE C 80 9.54 -5.07 -11.01
C ILE C 80 8.37 -5.95 -10.64
N TRP C 81 7.81 -6.65 -11.61
CA TRP C 81 6.66 -7.50 -11.29
C TRP C 81 7.11 -8.60 -10.33
N PHE C 82 8.29 -9.16 -10.56
CA PHE C 82 8.78 -10.21 -9.66
C PHE C 82 9.05 -9.66 -8.28
N GLN C 83 9.59 -8.44 -8.23
CA GLN C 83 9.89 -7.80 -6.96
C GLN C 83 8.59 -7.67 -6.18
N ASN C 84 7.60 -7.00 -6.78
CA ASN C 84 6.31 -6.84 -6.12
C ASN C 84 5.68 -8.16 -5.75
N ARG C 85 5.83 -9.18 -6.60
CA ARG C 85 5.24 -10.48 -6.34
C ARG C 85 5.84 -11.13 -5.09
N ARG C 86 7.16 -11.06 -4.96
CA ARG C 86 7.82 -11.64 -3.79
C ARG C 86 7.29 -10.97 -2.52
N MET C 87 7.15 -9.65 -2.56
CA MET C 87 6.67 -8.92 -1.40
C MET C 87 5.25 -9.28 -1.00
N LYS C 88 4.37 -9.54 -1.97
CA LYS C 88 2.99 -9.90 -1.60
C LYS C 88 2.97 -11.32 -1.07
N GLN C 89 3.99 -12.11 -1.43
CA GLN C 89 4.07 -13.47 -0.93
C GLN C 89 4.40 -13.38 0.56
N LYS C 90 5.38 -12.55 0.88
CA LYS C 90 5.80 -12.32 2.24
C LYS C 90 4.61 -11.86 3.05
N LYS C 91 3.82 -10.96 2.45
CA LYS C 91 2.63 -10.42 3.12
C LYS C 91 1.48 -11.41 3.18
N ARG C 92 1.70 -12.61 2.64
CA ARG C 92 0.67 -13.64 2.65
C ARG C 92 1.05 -14.72 3.65
N GLU C 93 2.33 -15.05 3.70
CA GLU C 93 2.84 -16.04 4.62
C GLU C 93 2.88 -15.45 6.02
N ARG C 94 2.74 -14.12 6.09
CA ARG C 94 2.75 -13.40 7.35
C ARG C 94 1.34 -12.96 7.75
N GLU C 95 0.34 -13.37 6.97
CA GLU C 95 -1.04 -13.02 7.22
C GLU C 95 -2.00 -14.02 6.60
N ARG D 3 -14.30 -8.41 -5.26
CA ARG D 3 -14.68 -9.05 -3.96
C ARG D 3 -15.57 -8.11 -3.16
N LYS D 4 -15.75 -8.43 -1.88
CA LYS D 4 -16.57 -7.62 -0.98
C LYS D 4 -15.70 -6.67 -0.16
N ARG D 5 -16.23 -5.49 0.14
CA ARG D 5 -15.48 -4.52 0.92
C ARG D 5 -16.24 -4.20 2.20
N ARG D 6 -15.66 -4.56 3.34
CA ARG D 6 -16.31 -4.28 4.62
C ARG D 6 -15.62 -3.11 5.32
N ASN D 7 -16.39 -2.10 5.69
CA ASN D 7 -15.81 -0.95 6.38
C ASN D 7 -15.30 -1.33 7.76
N PHE D 8 -14.77 -0.34 8.47
CA PHE D 8 -14.25 -0.57 9.80
C PHE D 8 -15.23 0.00 10.81
N ASN D 9 -15.13 -0.45 12.06
CA ASN D 9 -15.99 0.04 13.12
C ASN D 9 -15.81 1.55 13.19
N LYS D 10 -16.79 2.22 13.77
CA LYS D 10 -16.74 3.65 13.96
C LYS D 10 -15.59 3.91 14.94
N GLN D 11 -15.41 3.01 15.90
CA GLN D 11 -14.38 3.16 16.93
C GLN D 11 -12.98 3.04 16.34
N ALA D 12 -12.82 2.09 15.42
CA ALA D 12 -11.53 1.90 14.76
C ALA D 12 -11.18 3.17 13.99
N THR D 13 -12.12 3.70 13.21
CA THR D 13 -11.81 4.91 12.44
C THR D 13 -11.61 6.12 13.37
N GLU D 14 -12.26 6.09 14.54
CA GLU D 14 -12.13 7.14 15.54
C GLU D 14 -10.68 7.16 16.02
N ILE D 15 -10.16 5.97 16.32
CA ILE D 15 -8.80 5.83 16.79
C ILE D 15 -7.78 6.19 15.71
N LEU D 16 -8.02 5.75 14.48
CA LEU D 16 -7.09 6.02 13.38
C LEU D 16 -7.04 7.53 13.10
N ASN D 17 -8.19 8.20 13.01
CA ASN D 17 -8.16 9.62 12.76
C ASN D 17 -7.44 10.35 13.88
N GLU D 18 -7.78 10.04 15.13
CA GLU D 18 -7.11 10.73 16.22
C GLU D 18 -5.61 10.63 16.08
N TYR D 19 -5.11 9.45 15.73
CA TYR D 19 -3.67 9.31 15.59
C TYR D 19 -3.21 10.09 14.38
N PHE D 20 -3.94 10.00 13.29
CA PHE D 20 -3.54 10.69 12.08
C PHE D 20 -3.43 12.20 12.30
N TYR D 21 -4.48 12.83 12.80
CA TYR D 21 -4.41 14.26 13.00
C TYR D 21 -3.55 14.72 14.16
N SER D 22 -3.21 13.83 15.07
CA SER D 22 -2.33 14.22 16.17
C SER D 22 -0.88 14.11 15.71
N HIS D 23 -0.68 13.63 14.49
CA HIS D 23 0.66 13.51 13.93
C HIS D 23 0.64 14.04 12.51
N LEU D 24 -0.27 14.97 12.25
CA LEU D 24 -0.41 15.53 10.91
C LEU D 24 0.90 16.03 10.31
N SER D 25 1.84 16.46 11.15
CA SER D 25 3.12 16.95 10.64
C SER D 25 3.98 15.82 10.10
N ASN D 26 3.67 14.60 10.50
CA ASN D 26 4.45 13.44 10.05
C ASN D 26 3.65 12.15 10.33
N PRO D 27 2.50 11.99 9.66
CA PRO D 27 1.59 10.84 9.80
C PRO D 27 2.15 9.50 9.30
N TYR D 28 3.34 9.13 9.76
CA TYR D 28 3.93 7.86 9.35
C TYR D 28 4.28 6.98 10.53
N PRO D 29 3.29 6.27 11.08
CA PRO D 29 3.56 5.40 12.23
C PRO D 29 4.61 4.33 11.93
N SER D 30 5.47 4.09 12.92
CA SER D 30 6.52 3.10 12.81
C SER D 30 5.86 1.74 12.89
N GLU D 31 6.62 0.68 12.63
CA GLU D 31 6.10 -0.67 12.68
C GLU D 31 5.46 -0.95 14.03
N GLU D 32 6.09 -0.46 15.10
CA GLU D 32 5.56 -0.68 16.45
C GLU D 32 4.25 0.08 16.64
N ALA D 33 4.22 1.34 16.25
CA ALA D 33 2.99 2.11 16.39
C ALA D 33 1.86 1.42 15.63
N LYS D 34 2.16 0.98 14.40
CA LYS D 34 1.15 0.30 13.59
C LYS D 34 0.55 -0.91 14.29
N GLU D 35 1.40 -1.77 14.83
CA GLU D 35 0.89 -2.95 15.50
C GLU D 35 0.03 -2.54 16.68
N GLU D 36 0.42 -1.46 17.36
CA GLU D 36 -0.35 -0.98 18.50
C GLU D 36 -1.73 -0.52 18.06
N LEU D 37 -1.78 0.21 16.95
CA LEU D 37 -3.06 0.69 16.41
C LEU D 37 -3.92 -0.49 16.00
N ALA D 38 -3.28 -1.52 15.45
CA ALA D 38 -4.01 -2.71 15.00
C ALA D 38 -4.69 -3.43 16.16
N LYS D 39 -3.94 -3.61 17.24
CA LYS D 39 -4.47 -4.28 18.42
C LYS D 39 -5.64 -3.50 19.04
N LYS D 40 -5.56 -2.17 19.02
CA LYS D 40 -6.62 -1.34 19.58
C LYS D 40 -7.84 -1.23 18.70
N CYS D 41 -7.63 -1.24 17.38
CA CYS D 41 -8.73 -1.12 16.43
C CYS D 41 -9.36 -2.45 16.11
N GLY D 42 -8.63 -3.53 16.34
CA GLY D 42 -9.18 -4.84 16.04
C GLY D 42 -9.04 -5.14 14.57
N ILE D 43 -7.92 -4.73 13.99
CA ILE D 43 -7.66 -4.99 12.58
C ILE D 43 -6.19 -5.35 12.44
N THR D 44 -5.79 -5.71 11.23
CA THR D 44 -4.41 -6.12 10.98
C THR D 44 -3.50 -4.93 10.70
N VAL D 45 -2.19 -5.20 10.73
CA VAL D 45 -1.21 -4.18 10.46
C VAL D 45 -1.38 -3.73 9.00
N SER D 46 -1.68 -4.68 8.12
CA SER D 46 -1.88 -4.37 6.70
C SER D 46 -3.02 -3.39 6.51
N GLN D 47 -4.12 -3.66 7.20
CA GLN D 47 -5.26 -2.77 7.10
C GLN D 47 -4.89 -1.39 7.66
N VAL D 48 -4.00 -1.36 8.66
CA VAL D 48 -3.58 -0.09 9.23
C VAL D 48 -2.72 0.67 8.21
N SER D 49 -1.78 -0.05 7.59
CA SER D 49 -0.93 0.55 6.59
C SER D 49 -1.74 1.07 5.41
N ASN D 50 -2.77 0.34 5.00
CA ASN D 50 -3.60 0.79 3.87
C ASN D 50 -4.41 2.04 4.26
N TRP D 51 -4.87 2.07 5.50
CA TRP D 51 -5.68 3.18 5.96
C TRP D 51 -4.85 4.45 5.92
N PHE D 52 -3.62 4.39 6.44
CA PHE D 52 -2.73 5.55 6.44
C PHE D 52 -2.28 5.95 5.04
N GLY D 53 -2.01 4.96 4.20
CA GLY D 53 -1.62 5.22 2.83
C GLY D 53 -2.75 5.94 2.13
N ASN D 54 -3.98 5.42 2.28
CA ASN D 54 -5.12 6.05 1.66
C ASN D 54 -5.41 7.41 2.32
N LYS D 55 -5.29 7.49 3.64
CA LYS D 55 -5.56 8.72 4.36
C LYS D 55 -4.65 9.87 3.90
N ARG D 56 -3.35 9.63 3.91
CA ARG D 56 -2.38 10.61 3.48
C ARG D 56 -2.65 11.14 2.06
N ILE D 57 -2.69 10.22 1.10
CA ILE D 57 -2.89 10.55 -0.31
C ILE D 57 -4.18 11.32 -0.54
N ARG D 58 -5.28 10.86 0.01
CA ARG D 58 -6.54 11.57 -0.19
C ARG D 58 -6.51 12.92 0.53
N TYR D 59 -5.82 12.99 1.66
CA TYR D 59 -5.74 14.24 2.38
C TYR D 59 -5.03 15.30 1.53
N LYS D 60 -3.78 15.03 1.15
CA LYS D 60 -3.03 16.01 0.37
C LYS D 60 -3.66 16.35 -0.97
N LYS D 61 -4.53 15.48 -1.47
CA LYS D 61 -5.21 15.69 -2.74
C LYS D 61 -6.32 16.70 -2.63
N ASN D 62 -6.83 16.91 -1.42
CA ASN D 62 -7.89 17.89 -1.22
C ASN D 62 -7.95 18.28 0.24
N ILE D 63 -6.91 18.98 0.69
CA ILE D 63 -6.79 19.43 2.06
C ILE D 63 -8.08 20.05 2.59
N GLY D 64 -8.60 21.03 1.87
CA GLY D 64 -9.81 21.70 2.29
C GLY D 64 -10.93 20.76 2.72
N LYS D 65 -11.10 19.65 1.99
CA LYS D 65 -12.16 18.68 2.27
C LYS D 65 -12.09 18.03 3.65
N PHE D 66 -10.92 18.03 4.28
CA PHE D 66 -10.77 17.42 5.59
C PHE D 66 -10.50 18.36 6.76
N GLN D 67 -10.61 19.66 6.55
CA GLN D 67 -10.36 20.65 7.61
C GLN D 67 -11.30 20.48 8.80
N GLU D 68 -12.59 20.33 8.51
CA GLU D 68 -13.59 20.13 9.56
C GLU D 68 -13.20 18.94 10.41
N GLU D 69 -12.73 17.89 9.76
CA GLU D 69 -12.31 16.67 10.44
C GLU D 69 -11.04 16.95 11.24
N ALA D 70 -10.10 17.65 10.61
CA ALA D 70 -8.83 18.00 11.27
C ALA D 70 -9.10 18.84 12.50
N ASN D 71 -10.11 19.71 12.43
CA ASN D 71 -10.46 20.58 13.54
C ASN D 71 -10.99 19.76 14.71
N ILE D 72 -11.72 18.69 14.42
CA ILE D 72 -12.25 17.82 15.47
C ILE D 72 -11.18 17.06 16.23
N TYR D 73 -10.25 16.43 15.51
CA TYR D 73 -9.19 15.67 16.16
C TYR D 73 -7.93 16.53 16.35
N ALA D 74 -8.07 17.83 16.13
CA ALA D 74 -6.97 18.78 16.25
C ALA D 74 -6.03 18.48 17.40
N ALA D 75 -6.52 18.62 18.63
CA ALA D 75 -5.70 18.37 19.81
C ALA D 75 -5.34 16.89 19.89
#